data_3Q2Q
#
_entry.id   3Q2Q
#
_cell.length_a   71.659
_cell.length_b   71.659
_cell.length_c   150.919
_cell.angle_alpha   90.00
_cell.angle_beta   90.00
_cell.angle_gamma   120.00
#
_symmetry.space_group_name_H-M   'P 32 2 1'
#
loop_
_entity.id
_entity.type
_entity.pdbx_description
1 polymer 'Geranylgeranyl pyrophosphate synthase'
2 non-polymer 'DIMETHYLALLYL DIPHOSPHATE'
3 non-polymer 'CALCIUM ION'
4 non-polymer GLYCEROL
5 water water
#
_entity_poly.entity_id   1
_entity_poly.type   'polypeptide(L)'
_entity_poly.pdbx_seq_one_letter_code
;MSLSSGRTVPTRSHGLGKEGVSTTGASQVEFGDPELTARINDAMVQVEELLHTELSSGEDFLVDIVMHLTRAGGKRFRPM
FALLASEFGEKPLSENVIKAAVVVEITHLATLYHDDVMDEASMRRGVPSANARWDNSVAILAGDILLAHASGLMSQLGTD
TVAHFAETFGELVTGQMRETVGPRDTDPIEHYTNVIREKTGVLIASAGYLGAMHAGAAPEHIDALKNFGAAVGMIFQIVD
DIIDIFSETHESGKTPGTDLREGVFTLPVLYALREDTPVGAELRDILTGPLEDDETVNHVLELLSQSGGRQAALDEVYRY
MDIANAELDRLPDSTVKEALRNLATFTVKRVGEGHHHHHH
;
_entity_poly.pdbx_strand_id   A
#
# COMPACT_ATOMS: atom_id res chain seq x y z
N VAL A 29 9.10 14.90 -1.91
CA VAL A 29 9.99 14.54 -0.78
C VAL A 29 11.37 15.20 -0.95
N GLU A 30 12.36 14.65 -0.26
CA GLU A 30 13.73 15.16 -0.35
C GLU A 30 14.73 14.07 -0.72
N PHE A 31 15.39 14.25 -1.86
CA PHE A 31 16.36 13.28 -2.34
C PHE A 31 17.76 13.89 -2.33
N GLY A 32 18.75 13.12 -2.75
CA GLY A 32 20.10 13.65 -2.87
C GLY A 32 20.12 14.81 -3.84
N ASP A 33 19.63 14.54 -5.05
CA ASP A 33 19.56 15.55 -6.11
C ASP A 33 18.56 16.65 -5.73
N PRO A 34 19.04 17.90 -5.60
CA PRO A 34 18.13 19.01 -5.32
C PRO A 34 17.44 19.47 -6.60
N GLU A 35 18.06 19.16 -7.73
CA GLU A 35 17.47 19.43 -9.04
C GLU A 35 16.27 18.50 -9.26
N LEU A 36 16.44 17.26 -8.82
CA LEU A 36 15.37 16.27 -8.85
C LEU A 36 14.26 16.69 -7.89
N THR A 37 14.65 17.09 -6.69
CA THR A 37 13.70 17.49 -5.67
C THR A 37 12.73 18.55 -6.17
N ALA A 38 13.26 19.53 -6.91
CA ALA A 38 12.48 20.65 -7.40
C ALA A 38 11.53 20.25 -8.54
N ARG A 39 12.02 19.41 -9.44
CA ARG A 39 11.22 18.98 -10.57
C ARG A 39 9.99 18.23 -10.06
N ILE A 40 10.27 17.26 -9.19
CA ILE A 40 9.27 16.41 -8.60
C ILE A 40 8.25 17.23 -7.80
N ASN A 41 8.75 18.10 -6.92
CA ASN A 41 7.86 18.95 -6.13
C ASN A 41 6.92 19.81 -6.98
N ASP A 42 7.41 20.31 -8.10
CA ASP A 42 6.56 21.05 -9.03
CA ASP A 42 6.56 21.05 -9.04
C ASP A 42 5.48 20.16 -9.64
N ALA A 43 5.85 18.93 -9.97
CA ALA A 43 4.90 18.01 -10.56
C ALA A 43 3.87 17.60 -9.49
N MET A 44 4.32 17.40 -8.25
CA MET A 44 3.37 17.02 -7.19
C MET A 44 2.29 18.09 -6.99
N VAL A 45 2.65 19.36 -7.23
CA VAL A 45 1.68 20.45 -7.15
C VAL A 45 0.63 20.29 -8.25
N GLN A 46 1.08 19.95 -9.44
CA GLN A 46 0.19 19.74 -10.58
CA GLN A 46 0.15 19.76 -10.55
C GLN A 46 -0.74 18.54 -10.31
N VAL A 47 -0.18 17.49 -9.70
CA VAL A 47 -0.97 16.32 -9.30
C VAL A 47 -2.04 16.76 -8.28
N GLU A 48 -1.63 17.48 -7.24
CA GLU A 48 -2.58 17.95 -6.23
C GLU A 48 -3.71 18.82 -6.82
N GLU A 49 -3.39 19.67 -7.80
CA GLU A 49 -4.40 20.52 -8.44
C GLU A 49 -5.42 19.70 -9.20
N LEU A 50 -4.96 18.80 -10.06
CA LEU A 50 -5.88 17.99 -10.85
C LEU A 50 -6.68 17.05 -9.93
N LEU A 51 -6.02 16.45 -8.94
CA LEU A 51 -6.74 15.65 -7.97
C LEU A 51 -7.86 16.44 -7.30
N HIS A 52 -7.55 17.62 -6.77
CA HIS A 52 -8.56 18.46 -6.14
C HIS A 52 -9.69 18.81 -7.13
N THR A 53 -9.35 19.14 -8.37
CA THR A 53 -10.39 19.41 -9.33
C THR A 53 -11.37 18.21 -9.43
N GLU A 54 -10.82 17.00 -9.46
CA GLU A 54 -11.67 15.79 -9.67
C GLU A 54 -12.51 15.55 -8.43
N LEU A 55 -11.89 15.61 -7.26
CA LEU A 55 -12.63 15.37 -6.02
C LEU A 55 -13.73 16.41 -5.87
N SER A 56 -13.53 17.60 -6.44
CA SER A 56 -14.54 18.65 -6.29
C SER A 56 -15.42 18.86 -7.53
N SER A 57 -15.51 17.83 -8.37
CA SER A 57 -16.32 17.92 -9.56
C SER A 57 -17.66 17.22 -9.31
N GLY A 58 -18.73 17.74 -9.89
CA GLY A 58 -20.07 17.16 -9.72
C GLY A 58 -21.02 18.09 -9.00
N GLU A 59 -22.21 17.57 -8.71
CA GLU A 59 -23.27 18.37 -8.14
C GLU A 59 -22.89 18.80 -6.75
N ASP A 60 -23.32 19.99 -6.38
CA ASP A 60 -23.01 20.53 -5.05
C ASP A 60 -23.20 19.53 -3.91
N PHE A 61 -24.35 18.84 -3.86
CA PHE A 61 -24.64 17.97 -2.72
C PHE A 61 -23.67 16.79 -2.66
N LEU A 62 -23.19 16.37 -3.82
CA LEU A 62 -22.25 15.27 -3.88
C LEU A 62 -20.82 15.72 -3.51
N VAL A 63 -20.41 16.86 -4.04
CA VAL A 63 -19.09 17.40 -3.73
C VAL A 63 -18.98 17.67 -2.22
N ASP A 64 -20.01 18.27 -1.64
CA ASP A 64 -20.04 18.51 -0.21
CA ASP A 64 -20.02 18.50 -0.20
C ASP A 64 -19.72 17.23 0.57
N ILE A 65 -20.34 16.12 0.15
CA ILE A 65 -20.08 14.86 0.84
C ILE A 65 -18.66 14.34 0.66
N VAL A 66 -18.14 14.41 -0.57
CA VAL A 66 -16.79 13.96 -0.84
C VAL A 66 -15.81 14.82 -0.07
N MET A 67 -16.02 16.14 -0.05
CA MET A 67 -15.06 16.98 0.63
CA MET A 67 -15.16 17.08 0.67
C MET A 67 -15.09 16.73 2.15
N HIS A 68 -16.26 16.47 2.72
CA HIS A 68 -16.36 16.17 4.14
C HIS A 68 -15.67 14.85 4.52
N LEU A 69 -15.63 13.91 3.58
CA LEU A 69 -14.98 12.62 3.81
C LEU A 69 -13.53 12.64 3.32
N THR A 70 -13.10 13.76 2.79
CA THR A 70 -11.76 13.80 2.28
C THR A 70 -10.92 13.48 3.47
N ARG A 71 -9.98 12.59 3.24
CA ARG A 71 -9.22 11.92 4.27
C ARG A 71 -8.35 12.92 5.01
N ALA A 72 -8.28 14.13 4.48
CA ALA A 72 -7.49 15.11 5.19
C ALA A 72 -6.10 14.96 4.69
N GLY A 73 -6.02 14.28 3.57
CA GLY A 73 -4.78 14.17 2.85
C GLY A 73 -3.94 13.02 3.28
N GLY A 74 -2.82 12.88 2.61
CA GLY A 74 -1.98 11.73 2.76
C GLY A 74 -0.62 12.10 2.28
N LYS A 75 0.27 11.14 2.37
CA LYS A 75 1.63 11.28 1.92
C LYS A 75 1.75 11.34 0.40
N ARG A 76 0.73 10.90 -0.32
CA ARG A 76 0.81 10.82 -1.77
C ARG A 76 2.03 10.05 -2.25
N PHE A 77 2.35 8.96 -1.55
CA PHE A 77 3.45 8.13 -1.98
C PHE A 77 3.24 7.59 -3.40
N ARG A 78 2.01 7.19 -3.72
CA ARG A 78 1.77 6.52 -5.01
C ARG A 78 1.97 7.45 -6.21
N PRO A 79 1.39 8.67 -6.16
CA PRO A 79 1.69 9.56 -7.28
C PRO A 79 3.17 9.97 -7.35
N MET A 80 3.82 10.13 -6.20
N MET A 80 3.80 10.12 -6.18
CA MET A 80 5.25 10.46 -6.22
CA MET A 80 5.23 10.42 -6.09
C MET A 80 6.05 9.34 -6.89
C MET A 80 6.05 9.36 -6.82
N PHE A 81 5.70 8.09 -6.59
CA PHE A 81 6.41 6.98 -7.22
C PHE A 81 6.18 7.00 -8.72
N ALA A 82 4.97 7.35 -9.13
CA ALA A 82 4.66 7.46 -10.58
C ALA A 82 5.51 8.56 -11.23
N LEU A 83 5.69 9.67 -10.52
CA LEU A 83 6.50 10.78 -11.05
C LEU A 83 7.97 10.36 -11.16
N LEU A 84 8.51 9.73 -10.11
CA LEU A 84 9.87 9.22 -10.14
C LEU A 84 10.05 8.25 -11.30
N ALA A 85 9.09 7.35 -11.48
CA ALA A 85 9.19 6.39 -12.55
C ALA A 85 9.27 7.09 -13.89
N SER A 86 8.53 8.19 -14.05
CA SER A 86 8.48 8.84 -15.37
C SER A 86 9.83 9.46 -15.75
N GLU A 87 10.70 9.63 -14.76
CA GLU A 87 12.03 10.20 -15.02
C GLU A 87 12.87 9.28 -15.92
N PHE A 88 12.42 8.04 -16.09
CA PHE A 88 13.14 7.10 -16.95
C PHE A 88 12.65 7.12 -18.39
N GLY A 89 11.69 7.97 -18.70
CA GLY A 89 11.18 8.04 -20.08
C GLY A 89 11.64 9.30 -20.81
N GLU A 90 11.27 9.42 -22.07
CA GLU A 90 11.59 10.61 -22.86
C GLU A 90 10.79 11.85 -22.46
N LYS A 91 9.64 11.65 -21.79
CA LYS A 91 8.81 12.78 -21.42
C LYS A 91 8.45 12.77 -19.94
N PRO A 92 9.46 12.88 -19.06
CA PRO A 92 9.26 12.89 -17.63
C PRO A 92 8.25 13.94 -17.22
N LEU A 93 7.40 13.59 -16.27
CA LEU A 93 6.52 14.56 -15.65
C LEU A 93 5.60 15.27 -16.63
N SER A 94 5.33 14.67 -17.78
CA SER A 94 4.48 15.33 -18.75
C SER A 94 3.03 15.38 -18.24
N GLU A 95 2.15 16.01 -19.00
CA GLU A 95 0.76 16.15 -18.58
C GLU A 95 0.05 14.79 -18.38
N ASN A 96 0.35 13.82 -19.24
CA ASN A 96 -0.28 12.49 -19.11
C ASN A 96 0.27 11.66 -17.94
N VAL A 97 1.52 11.92 -17.57
CA VAL A 97 2.14 11.36 -16.40
C VAL A 97 1.44 11.90 -15.15
N ILE A 98 1.20 13.22 -15.12
CA ILE A 98 0.46 13.85 -14.01
C ILE A 98 -0.95 13.25 -13.95
N LYS A 99 -1.58 13.10 -15.10
CA LYS A 99 -2.93 12.53 -15.14
C LYS A 99 -2.99 11.05 -14.65
N ALA A 100 -2.05 10.23 -15.09
CA ALA A 100 -1.92 8.86 -14.62
C ALA A 100 -1.72 8.83 -13.11
N ALA A 101 -0.88 9.72 -12.59
CA ALA A 101 -0.64 9.76 -11.17
C ALA A 101 -1.93 10.04 -10.41
N VAL A 102 -2.76 10.94 -10.95
CA VAL A 102 -4.00 11.29 -10.30
C VAL A 102 -4.94 10.09 -10.37
N VAL A 103 -4.91 9.38 -11.49
CA VAL A 103 -5.77 8.18 -11.58
C VAL A 103 -5.44 7.15 -10.48
N VAL A 104 -4.14 6.90 -10.29
CA VAL A 104 -3.66 5.98 -9.27
C VAL A 104 -4.10 6.45 -7.87
N GLU A 105 -3.91 7.74 -7.59
CA GLU A 105 -4.31 8.27 -6.27
C GLU A 105 -5.82 8.29 -6.03
N ILE A 106 -6.60 8.61 -7.06
CA ILE A 106 -8.07 8.54 -6.97
C ILE A 106 -8.50 7.11 -6.66
N THR A 107 -7.88 6.15 -7.34
CA THR A 107 -8.21 4.74 -7.13
C THR A 107 -7.89 4.35 -5.70
N HIS A 108 -6.71 4.76 -5.25
CA HIS A 108 -6.34 4.56 -3.85
C HIS A 108 -7.38 5.11 -2.89
N LEU A 109 -7.84 6.33 -3.12
CA LEU A 109 -8.82 6.95 -2.22
C LEU A 109 -10.16 6.23 -2.27
N ALA A 110 -10.58 5.80 -3.47
CA ALA A 110 -11.85 5.09 -3.62
C ALA A 110 -11.87 3.82 -2.76
N THR A 111 -10.78 3.06 -2.81
CA THR A 111 -10.66 1.80 -2.07
C THR A 111 -10.65 2.00 -0.56
N LEU A 112 -9.98 3.07 -0.10
CA LEU A 112 -10.08 3.45 1.29
C LEU A 112 -11.52 3.68 1.71
N TYR A 113 -12.30 4.36 0.88
CA TYR A 113 -13.69 4.63 1.21
C TYR A 113 -14.46 3.34 1.38
N HIS A 114 -14.26 2.42 0.42
CA HIS A 114 -14.93 1.13 0.51
C HIS A 114 -14.35 0.26 1.63
N ASP A 115 -13.05 0.29 1.81
CA ASP A 115 -12.43 -0.43 2.91
C ASP A 115 -12.93 0.06 4.28
N ASP A 116 -13.08 1.37 4.43
CA ASP A 116 -13.52 1.96 5.70
C ASP A 116 -14.93 1.49 6.08
N VAL A 117 -15.83 1.45 5.10
CA VAL A 117 -17.19 1.01 5.36
C VAL A 117 -17.21 -0.44 5.88
N MET A 118 -16.25 -1.23 5.42
CA MET A 118 -16.17 -2.62 5.81
C MET A 118 -15.42 -2.87 7.13
N ASP A 119 -14.49 -1.97 7.47
CA ASP A 119 -13.86 -2.02 8.78
C ASP A 119 -14.94 -1.87 9.85
N GLU A 120 -16.10 -1.37 9.43
CA GLU A 120 -17.24 -1.13 10.32
C GLU A 120 -17.87 -2.44 10.81
N ALA A 121 -17.39 -3.56 10.28
CA ALA A 121 -17.86 -4.88 10.70
C ALA A 121 -16.82 -5.59 11.57
N SER A 129 -27.04 3.67 14.11
CA SER A 129 -28.07 2.76 13.63
C SER A 129 -28.55 3.15 12.23
N ALA A 130 -29.24 4.29 12.16
CA ALA A 130 -29.68 4.85 10.87
C ALA A 130 -28.80 6.03 10.47
N ASN A 131 -28.06 6.56 11.45
CA ASN A 131 -27.09 7.62 11.20
C ASN A 131 -25.76 6.99 10.84
N ALA A 132 -25.69 5.66 10.93
CA ALA A 132 -24.51 4.91 10.54
C ALA A 132 -24.77 4.21 9.20
N ARG A 133 -26.03 3.88 8.94
CA ARG A 133 -26.43 3.31 7.66
C ARG A 133 -26.42 4.39 6.58
N TRP A 134 -26.64 5.63 6.99
CA TRP A 134 -26.52 6.77 6.10
C TRP A 134 -25.03 7.02 5.81
N ASP A 135 -24.22 6.99 6.86
CA ASP A 135 -22.77 7.18 6.73
C ASP A 135 -22.14 6.13 5.81
N ASN A 136 -22.69 4.93 5.81
CA ASN A 136 -22.16 3.87 4.97
C ASN A 136 -22.55 4.04 3.51
N SER A 137 -23.82 4.34 3.25
CA SER A 137 -24.27 4.60 1.90
C SER A 137 -23.36 5.67 1.31
N VAL A 138 -23.11 6.68 2.12
CA VAL A 138 -22.44 7.87 1.65
C VAL A 138 -21.01 7.55 1.19
N ALA A 139 -20.28 6.79 1.99
CA ALA A 139 -18.91 6.41 1.66
C ALA A 139 -18.86 5.45 0.50
N ILE A 140 -19.85 4.57 0.38
CA ILE A 140 -19.90 3.68 -0.77
C ILE A 140 -20.02 4.50 -2.06
N LEU A 141 -20.93 5.47 -2.03
CA LEU A 141 -21.16 6.32 -3.19
C LEU A 141 -20.00 7.27 -3.46
N ALA A 142 -19.34 7.73 -2.40
CA ALA A 142 -18.15 8.55 -2.58
C ALA A 142 -17.07 7.75 -3.32
N GLY A 143 -16.88 6.49 -2.92
CA GLY A 143 -15.88 5.64 -3.58
C GLY A 143 -16.26 5.46 -5.04
N ASP A 144 -17.54 5.24 -5.28
CA ASP A 144 -18.04 5.05 -6.65
C ASP A 144 -17.88 6.29 -7.55
N ILE A 145 -18.17 7.48 -7.03
CA ILE A 145 -18.06 8.66 -7.87
C ILE A 145 -16.59 8.87 -8.18
N LEU A 146 -15.72 8.55 -7.22
CA LEU A 146 -14.27 8.61 -7.46
C LEU A 146 -13.85 7.70 -8.63
N LEU A 147 -14.38 6.49 -8.68
CA LEU A 147 -14.08 5.57 -9.80
C LEU A 147 -14.59 6.13 -11.11
N ALA A 148 -15.75 6.79 -11.08
CA ALA A 148 -16.26 7.46 -12.28
C ALA A 148 -15.28 8.56 -12.71
N HIS A 149 -14.80 9.37 -11.78
CA HIS A 149 -13.81 10.40 -12.13
C HIS A 149 -12.56 9.75 -12.74
N ALA A 150 -12.04 8.71 -12.10
CA ALA A 150 -10.83 8.04 -12.58
C ALA A 150 -11.07 7.54 -14.01
N SER A 151 -12.24 6.99 -14.25
CA SER A 151 -12.51 6.50 -15.61
C SER A 151 -12.52 7.61 -16.66
N GLY A 152 -13.04 8.78 -16.27
CA GLY A 152 -13.01 9.94 -17.17
C GLY A 152 -11.58 10.23 -17.61
N LEU A 153 -10.67 10.34 -16.65
CA LEU A 153 -9.26 10.60 -16.99
C LEU A 153 -8.62 9.48 -17.82
N MET A 154 -8.90 8.23 -17.47
CA MET A 154 -8.34 7.10 -18.21
CA MET A 154 -8.40 7.04 -18.19
C MET A 154 -8.79 7.11 -19.65
N SER A 155 -9.98 7.64 -19.92
CA SER A 155 -10.46 7.70 -21.31
C SER A 155 -9.56 8.61 -22.13
N GLN A 156 -8.82 9.48 -21.47
CA GLN A 156 -7.93 10.37 -22.21
C GLN A 156 -6.53 9.78 -22.26
N LEU A 157 -6.29 8.72 -21.51
CA LEU A 157 -4.96 8.13 -21.40
C LEU A 157 -4.74 6.95 -22.35
N GLY A 158 -5.82 6.39 -22.88
CA GLY A 158 -5.71 5.29 -23.84
C GLY A 158 -6.19 3.96 -23.30
N THR A 159 -6.53 3.05 -24.21
CA THR A 159 -7.09 1.76 -23.82
C THR A 159 -6.11 0.87 -23.05
N ASP A 160 -4.80 1.00 -23.30
CA ASP A 160 -3.82 0.19 -22.58
CA ASP A 160 -3.83 0.18 -22.56
C ASP A 160 -3.88 0.53 -21.08
N THR A 161 -4.08 1.82 -20.78
CA THR A 161 -4.21 2.25 -19.39
C THR A 161 -5.48 1.68 -18.77
N VAL A 162 -6.57 1.70 -19.54
CA VAL A 162 -7.86 1.16 -19.07
C VAL A 162 -7.74 -0.36 -18.80
N ALA A 163 -7.16 -1.09 -19.74
CA ALA A 163 -6.87 -2.52 -19.56
C ALA A 163 -6.01 -2.77 -18.32
N HIS A 164 -4.90 -2.02 -18.20
CA HIS A 164 -4.03 -2.17 -17.06
C HIS A 164 -4.76 -1.86 -15.76
N PHE A 165 -5.61 -0.83 -15.81
CA PHE A 165 -6.36 -0.42 -14.64
C PHE A 165 -7.35 -1.49 -14.27
N ALA A 166 -7.98 -2.06 -15.28
CA ALA A 166 -9.00 -3.08 -14.98
C ALA A 166 -8.41 -4.26 -14.23
N GLU A 167 -7.21 -4.68 -14.64
CA GLU A 167 -6.53 -5.76 -13.97
C GLU A 167 -6.12 -5.35 -12.57
N THR A 168 -5.50 -4.17 -12.46
CA THR A 168 -5.07 -3.66 -11.16
C THR A 168 -6.23 -3.54 -10.17
N PHE A 169 -7.30 -2.87 -10.56
CA PHE A 169 -8.44 -2.71 -9.66
C PHE A 169 -9.09 -4.08 -9.33
N GLY A 170 -9.21 -4.96 -10.31
CA GLY A 170 -9.65 -6.34 -10.04
C GLY A 170 -8.81 -7.04 -8.96
N GLU A 171 -7.48 -6.92 -9.05
CA GLU A 171 -6.57 -7.51 -8.03
C GLU A 171 -6.82 -6.91 -6.69
N LEU A 172 -6.90 -5.59 -6.66
CA LEU A 172 -7.10 -4.86 -5.42
C LEU A 172 -8.36 -5.31 -4.74
N VAL A 173 -9.45 -5.43 -5.52
CA VAL A 173 -10.72 -5.89 -4.98
C VAL A 173 -10.63 -7.35 -4.53
N THR A 174 -9.92 -8.17 -5.30
CA THR A 174 -9.65 -9.54 -4.91
C THR A 174 -8.94 -9.61 -3.55
N GLY A 175 -7.96 -8.74 -3.32
CA GLY A 175 -7.26 -8.71 -2.03
C GLY A 175 -8.17 -8.36 -0.86
N GLN A 176 -9.03 -7.36 -1.04
CA GLN A 176 -10.01 -7.01 -0.01
C GLN A 176 -10.96 -8.19 0.24
N MET A 177 -11.43 -8.87 -0.82
CA MET A 177 -12.32 -10.04 -0.62
C MET A 177 -11.59 -11.16 0.09
N ARG A 178 -10.34 -11.39 -0.30
CA ARG A 178 -9.50 -12.44 0.26
C ARG A 178 -9.31 -12.23 1.76
N GLU A 179 -9.03 -11.00 2.13
CA GLU A 179 -8.88 -10.67 3.55
C GLU A 179 -10.20 -10.88 4.30
N THR A 180 -11.30 -10.51 3.65
CA THR A 180 -12.63 -10.62 4.25
C THR A 180 -13.04 -12.07 4.51
N VAL A 181 -12.75 -12.97 3.57
CA VAL A 181 -13.12 -14.38 3.72
C VAL A 181 -12.15 -15.18 4.57
N GLY A 182 -10.90 -14.73 4.68
CA GLY A 182 -9.92 -15.47 5.43
C GLY A 182 -9.21 -16.57 4.66
N PRO A 183 -8.27 -17.26 5.32
CA PRO A 183 -7.40 -18.25 4.68
C PRO A 183 -8.07 -19.60 4.37
N ARG A 184 -9.34 -19.75 4.71
CA ARG A 184 -10.03 -21.05 4.55
C ARG A 184 -9.15 -22.16 5.10
N ASP A 185 -8.65 -23.01 4.21
CA ASP A 185 -7.77 -24.09 4.62
C ASP A 185 -6.43 -24.03 3.91
N THR A 186 -6.05 -22.84 3.44
CA THR A 186 -4.72 -22.67 2.84
C THR A 186 -3.70 -22.29 3.91
N ASP A 187 -2.43 -22.42 3.57
CA ASP A 187 -1.35 -21.96 4.43
C ASP A 187 -1.53 -20.48 4.83
N PRO A 188 -1.61 -20.19 6.14
CA PRO A 188 -1.87 -18.83 6.59
C PRO A 188 -0.79 -17.83 6.12
N ILE A 189 0.43 -18.30 5.89
CA ILE A 189 1.50 -17.42 5.44
C ILE A 189 1.33 -17.04 3.96
N GLU A 190 0.98 -18.02 3.14
CA GLU A 190 0.61 -17.77 1.74
C GLU A 190 -0.58 -16.83 1.63
N HIS A 191 -1.58 -17.04 2.47
CA HIS A 191 -2.75 -16.18 2.50
C HIS A 191 -2.32 -14.73 2.77
N TYR A 192 -1.53 -14.55 3.81
CA TYR A 192 -1.14 -13.22 4.23
C TYR A 192 -0.36 -12.56 3.11
N THR A 193 0.56 -13.29 2.51
CA THR A 193 1.37 -12.79 1.42
C THR A 193 0.48 -12.38 0.24
N ASN A 194 -0.53 -13.19 -0.06
CA ASN A 194 -1.45 -12.90 -1.16
C ASN A 194 -2.27 -11.67 -0.89
N VAL A 195 -2.76 -11.53 0.34
CA VAL A 195 -3.53 -10.38 0.70
C VAL A 195 -2.75 -9.09 0.48
N ILE A 196 -1.49 -9.07 0.90
CA ILE A 196 -0.68 -7.85 0.77
C ILE A 196 -0.32 -7.58 -0.69
N ARG A 197 0.10 -8.60 -1.41
CA ARG A 197 0.42 -8.42 -2.83
C ARG A 197 -0.74 -7.78 -3.58
N GLU A 198 -1.96 -8.23 -3.27
CA GLU A 198 -3.17 -7.77 -3.95
C GLU A 198 -3.73 -6.45 -3.43
N LYS A 199 -3.88 -6.34 -2.10
CA LYS A 199 -4.46 -5.15 -1.51
C LYS A 199 -3.54 -3.96 -1.60
N THR A 200 -2.24 -4.21 -1.56
CA THR A 200 -1.27 -3.11 -1.46
C THR A 200 -0.27 -3.05 -2.61
N GLY A 201 0.35 -4.18 -2.91
CA GLY A 201 1.43 -4.21 -3.87
C GLY A 201 1.01 -3.76 -5.25
N VAL A 202 -0.14 -4.22 -5.73
CA VAL A 202 -0.45 -4.05 -7.15
C VAL A 202 -0.63 -2.58 -7.54
N LEU A 203 -1.19 -1.79 -6.64
CA LEU A 203 -1.44 -0.40 -6.96
C LEU A 203 -0.14 0.40 -7.00
N ILE A 204 0.82 0.03 -6.16
CA ILE A 204 2.12 0.69 -6.19
C ILE A 204 2.88 0.28 -7.45
N ALA A 205 2.81 -1.01 -7.78
CA ALA A 205 3.33 -1.50 -9.06
C ALA A 205 2.70 -0.70 -10.18
N SER A 206 1.39 -0.41 -10.07
CA SER A 206 0.71 0.30 -11.14
C SER A 206 1.21 1.75 -11.29
N ALA A 207 1.49 2.42 -10.18
CA ALA A 207 2.07 3.75 -10.24
C ALA A 207 3.38 3.74 -11.08
N GLY A 208 4.23 2.75 -10.86
CA GLY A 208 5.52 2.68 -11.58
C GLY A 208 5.26 2.39 -13.05
N TYR A 209 4.39 1.42 -13.29
CA TYR A 209 4.02 1.07 -14.64
C TYR A 209 3.51 2.29 -15.42
N LEU A 210 2.51 2.98 -14.87
CA LEU A 210 1.86 4.03 -15.59
C LEU A 210 2.76 5.27 -15.72
N GLY A 211 3.51 5.57 -14.67
CA GLY A 211 4.44 6.70 -14.69
C GLY A 211 5.45 6.54 -15.81
N ALA A 212 6.06 5.36 -15.88
CA ALA A 212 7.06 5.06 -16.89
C ALA A 212 6.43 4.99 -18.28
N MET A 213 5.30 4.30 -18.40
CA MET A 213 4.67 4.12 -19.71
CA MET A 213 4.66 4.13 -19.71
C MET A 213 4.25 5.46 -20.35
N HIS A 214 3.55 6.30 -19.59
CA HIS A 214 3.15 7.61 -20.11
C HIS A 214 4.29 8.63 -20.27
N ALA A 215 5.48 8.29 -19.79
CA ALA A 215 6.67 9.11 -20.04
C ALA A 215 7.37 8.63 -21.31
N GLY A 216 6.89 7.50 -21.83
CA GLY A 216 7.49 6.90 -23.01
C GLY A 216 8.78 6.14 -22.72
N ALA A 217 8.94 5.64 -21.50
CA ALA A 217 10.09 4.79 -21.17
C ALA A 217 10.09 3.51 -22.02
N ALA A 218 11.27 2.89 -22.14
CA ALA A 218 11.42 1.59 -22.81
C ALA A 218 10.70 0.49 -22.02
N PRO A 219 10.17 -0.53 -22.72
CA PRO A 219 9.41 -1.63 -22.14
C PRO A 219 10.11 -2.31 -20.97
N GLU A 220 11.41 -2.57 -21.12
CA GLU A 220 12.18 -3.19 -20.05
C GLU A 220 12.15 -2.35 -18.78
N HIS A 221 12.22 -1.04 -18.95
CA HIS A 221 12.25 -0.11 -17.83
C HIS A 221 10.87 0.02 -17.19
N ILE A 222 9.84 0.08 -18.02
CA ILE A 222 8.46 0.06 -17.55
C ILE A 222 8.21 -1.18 -16.69
N ASP A 223 8.68 -2.31 -17.19
CA ASP A 223 8.50 -3.57 -16.51
C ASP A 223 9.26 -3.61 -15.19
N ALA A 224 10.48 -3.08 -15.19
CA ALA A 224 11.30 -3.08 -13.99
C ALA A 224 10.66 -2.21 -12.89
N LEU A 225 10.07 -1.08 -13.28
CA LEU A 225 9.54 -0.12 -12.32
C LEU A 225 8.24 -0.65 -11.72
N LYS A 226 7.45 -1.29 -12.57
CA LYS A 226 6.29 -2.05 -12.13
C LYS A 226 6.66 -3.13 -11.08
N ASN A 227 7.62 -3.99 -11.40
CA ASN A 227 8.10 -5.01 -10.47
C ASN A 227 8.72 -4.43 -9.22
N PHE A 228 9.45 -3.33 -9.37
CA PHE A 228 10.01 -2.70 -8.20
C PHE A 228 8.90 -2.21 -7.27
N GLY A 229 7.88 -1.56 -7.83
CA GLY A 229 6.72 -1.10 -7.03
C GLY A 229 6.08 -2.25 -6.24
N ALA A 230 5.92 -3.39 -6.89
CA ALA A 230 5.31 -4.56 -6.23
C ALA A 230 6.16 -5.03 -5.03
N ALA A 231 7.47 -5.11 -5.23
CA ALA A 231 8.41 -5.57 -4.19
C ALA A 231 8.41 -4.58 -3.03
N VAL A 232 8.45 -3.29 -3.37
CA VAL A 232 8.38 -2.22 -2.39
C VAL A 232 7.08 -2.24 -1.56
N GLY A 233 5.96 -2.53 -2.21
CA GLY A 233 4.70 -2.67 -1.48
C GLY A 233 4.78 -3.75 -0.42
N MET A 234 5.42 -4.88 -0.74
CA MET A 234 5.58 -5.97 0.23
C MET A 234 6.48 -5.51 1.38
N ILE A 235 7.58 -4.86 1.05
CA ILE A 235 8.48 -4.35 2.07
C ILE A 235 7.78 -3.40 3.03
N PHE A 236 7.04 -2.41 2.51
CA PHE A 236 6.41 -1.42 3.39
C PHE A 236 5.46 -2.11 4.38
N GLN A 237 4.65 -3.04 3.89
CA GLN A 237 3.63 -3.63 4.77
C GLN A 237 4.25 -4.56 5.82
N ILE A 238 5.26 -5.34 5.43
CA ILE A 238 5.83 -6.28 6.38
C ILE A 238 6.60 -5.49 7.45
N VAL A 239 7.31 -4.45 7.03
CA VAL A 239 8.02 -3.62 7.98
C VAL A 239 7.04 -2.97 8.99
N ASP A 240 5.93 -2.44 8.46
CA ASP A 240 4.86 -1.89 9.29
CA ASP A 240 4.85 -1.90 9.29
C ASP A 240 4.37 -2.93 10.31
N ASP A 241 4.16 -4.17 9.86
CA ASP A 241 3.68 -5.24 10.74
C ASP A 241 4.71 -5.59 11.83
N ILE A 242 5.99 -5.61 11.46
CA ILE A 242 7.03 -5.87 12.46
C ILE A 242 7.00 -4.79 13.52
N ILE A 243 7.02 -3.54 13.08
CA ILE A 243 6.98 -2.39 13.98
C ILE A 243 5.76 -2.48 14.91
N ASP A 244 4.60 -2.84 14.35
CA ASP A 244 3.40 -2.93 15.17
C ASP A 244 3.59 -3.85 16.37
N ILE A 245 4.43 -4.88 16.20
CA ILE A 245 4.59 -5.87 17.25
CA ILE A 245 4.61 -5.87 17.25
C ILE A 245 5.81 -5.60 18.13
N PHE A 246 6.92 -5.20 17.53
CA PHE A 246 8.18 -5.14 18.27
C PHE A 246 8.68 -3.75 18.68
N SER A 247 8.04 -2.70 18.24
CA SER A 247 8.49 -1.38 18.65
C SER A 247 7.71 -0.83 19.82
N GLU A 248 8.22 0.23 20.43
CA GLU A 248 7.55 0.83 21.57
C GLU A 248 6.82 2.16 21.30
N THR A 249 7.58 3.23 21.11
CA THR A 249 7.04 4.58 20.95
C THR A 249 7.60 5.21 19.70
N HIS A 250 6.92 6.20 19.16
CA HIS A 250 7.41 6.77 17.91
C HIS A 250 8.59 7.72 18.14
N THR A 255 1.11 2.51 21.39
CA THR A 255 1.29 1.19 22.00
C THR A 255 1.21 0.07 20.95
N PRO A 256 2.05 -0.96 21.13
CA PRO A 256 2.14 -2.07 20.18
C PRO A 256 0.96 -3.03 20.31
N GLY A 257 0.86 -3.96 19.37
CA GLY A 257 -0.15 -5.02 19.44
C GLY A 257 -1.53 -4.63 18.92
N THR A 258 -1.58 -3.61 18.07
CA THR A 258 -2.84 -3.20 17.44
C THR A 258 -3.48 -4.37 16.67
N ASP A 259 -2.76 -4.90 15.69
CA ASP A 259 -3.24 -6.03 14.90
C ASP A 259 -3.67 -7.20 15.78
N LEU A 260 -2.91 -7.47 16.84
CA LEU A 260 -3.21 -8.59 17.73
C LEU A 260 -4.59 -8.46 18.37
N ARG A 261 -4.86 -7.29 18.94
CA ARG A 261 -6.15 -7.02 19.58
CA ARG A 261 -6.15 -7.02 19.58
C ARG A 261 -7.32 -7.27 18.62
N GLU A 262 -7.18 -6.78 17.40
CA GLU A 262 -8.19 -6.97 16.38
C GLU A 262 -8.26 -8.41 15.89
N GLY A 263 -7.31 -9.25 16.30
CA GLY A 263 -7.30 -10.65 15.91
C GLY A 263 -6.65 -10.88 14.56
N VAL A 264 -5.88 -9.90 14.10
CA VAL A 264 -5.13 -10.01 12.85
C VAL A 264 -3.68 -10.45 13.14
N PHE A 265 -3.33 -11.68 12.74
CA PHE A 265 -1.97 -12.21 12.96
C PHE A 265 -1.10 -11.99 11.73
N THR A 266 -0.17 -11.07 11.81
CA THR A 266 0.71 -10.76 10.68
C THR A 266 1.94 -11.71 10.61
N LEU A 267 2.82 -11.50 9.64
CA LEU A 267 3.94 -12.40 9.39
C LEU A 267 4.74 -12.89 10.60
N PRO A 268 5.19 -11.98 11.46
CA PRO A 268 6.03 -12.46 12.57
C PRO A 268 5.26 -13.42 13.48
N VAL A 269 3.96 -13.16 13.65
CA VAL A 269 3.11 -14.00 14.50
C VAL A 269 2.88 -15.35 13.84
N LEU A 270 2.66 -15.32 12.52
CA LEU A 270 2.42 -16.55 11.77
C LEU A 270 3.67 -17.45 11.79
N TYR A 271 4.85 -16.85 11.62
CA TYR A 271 6.07 -17.63 11.75
C TYR A 271 6.26 -18.23 13.14
N ALA A 272 5.99 -17.45 14.19
CA ALA A 272 6.20 -17.89 15.55
C ALA A 272 5.24 -19.05 15.85
N LEU A 273 3.99 -18.93 15.39
CA LEU A 273 3.00 -20.00 15.56
C LEU A 273 3.38 -21.34 14.91
N ARG A 274 4.36 -21.29 14.02
CA ARG A 274 4.84 -22.43 13.24
CA ARG A 274 4.77 -22.48 13.30
C ARG A 274 5.93 -23.23 13.99
N GLU A 275 6.58 -22.57 14.94
CA GLU A 275 7.79 -23.12 15.59
C GLU A 275 7.54 -24.36 16.45
N ASP A 276 8.44 -25.33 16.36
CA ASP A 276 8.38 -26.49 17.22
C ASP A 276 9.22 -26.25 18.49
N THR A 277 8.76 -25.29 19.28
CA THR A 277 9.46 -24.87 20.49
C THR A 277 8.41 -24.64 21.54
N PRO A 278 8.84 -24.45 22.80
CA PRO A 278 7.90 -24.19 23.89
C PRO A 278 7.12 -22.90 23.63
N VAL A 279 7.81 -21.90 23.09
CA VAL A 279 7.16 -20.62 22.79
C VAL A 279 6.13 -20.76 21.67
N GLY A 280 6.49 -21.51 20.63
CA GLY A 280 5.55 -21.78 19.54
C GLY A 280 4.32 -22.50 20.11
N ALA A 281 4.55 -23.48 20.99
CA ALA A 281 3.45 -24.26 21.56
C ALA A 281 2.53 -23.40 22.43
N GLU A 282 3.13 -22.53 23.24
CA GLU A 282 2.31 -21.68 24.07
C GLU A 282 1.51 -20.65 23.26
N LEU A 283 2.11 -20.17 22.15
CA LEU A 283 1.41 -19.21 21.29
C LEU A 283 0.21 -19.85 20.58
N ARG A 284 0.38 -21.08 20.16
CA ARG A 284 -0.71 -21.82 19.53
C ARG A 284 -1.88 -22.00 20.50
N ASP A 285 -1.56 -22.30 21.76
N ASP A 285 -1.55 -22.35 21.74
CA ASP A 285 -2.60 -22.53 22.77
CA ASP A 285 -2.55 -22.51 22.79
C ASP A 285 -3.32 -21.26 23.22
C ASP A 285 -3.34 -21.23 23.00
N ILE A 286 -2.64 -20.12 23.18
CA ILE A 286 -3.27 -18.84 23.52
C ILE A 286 -4.02 -18.18 22.37
N LEU A 287 -3.46 -18.25 21.16
CA LEU A 287 -3.94 -17.44 20.03
C LEU A 287 -5.07 -18.09 19.26
N THR A 288 -6.09 -18.47 20.01
N THR A 288 -6.14 -18.45 19.95
CA THR A 288 -7.31 -19.05 19.47
CA THR A 288 -7.27 -19.09 19.30
C THR A 288 -8.44 -18.65 20.41
C THR A 288 -8.22 -18.09 18.63
N GLY A 289 -8.11 -18.54 21.69
N GLY A 289 -7.91 -16.80 18.76
CA GLY A 289 -9.09 -18.19 22.73
CA GLY A 289 -8.75 -15.75 18.20
C GLY A 289 -9.43 -16.72 22.75
C GLY A 289 -8.32 -14.38 18.70
N PRO A 290 -10.12 -16.28 23.82
N PRO A 290 -9.17 -13.36 18.50
CA PRO A 290 -10.54 -14.89 23.97
CA PRO A 290 -8.85 -12.01 18.95
C PRO A 290 -9.40 -13.89 23.83
C PRO A 290 -8.60 -11.96 20.45
N LEU A 291 -9.48 -13.05 22.81
N LEU A 291 -7.66 -11.12 20.87
CA LEU A 291 -8.53 -11.97 22.62
CA LEU A 291 -7.28 -11.02 22.28
C LEU A 291 -9.16 -10.69 23.17
C LEU A 291 -7.93 -9.83 22.97
N GLU A 292 -8.51 -10.06 24.15
CA GLU A 292 -9.16 -8.98 24.89
C GLU A 292 -8.27 -8.26 25.91
N ASP A 293 -8.27 -8.76 27.15
CA ASP A 293 -7.56 -8.09 28.24
C ASP A 293 -6.11 -7.75 27.89
N ASP A 294 -5.63 -6.63 28.43
CA ASP A 294 -4.28 -6.14 28.13
C ASP A 294 -3.17 -7.06 28.62
N GLU A 295 -3.47 -7.86 29.64
CA GLU A 295 -2.45 -8.71 30.25
C GLU A 295 -2.11 -9.87 29.35
N THR A 296 -3.11 -10.40 28.67
CA THR A 296 -2.91 -11.48 27.72
C THR A 296 -2.18 -10.96 26.49
N VAL A 297 -2.55 -9.76 26.06
CA VAL A 297 -1.89 -9.15 24.92
C VAL A 297 -0.42 -8.95 25.20
N ASN A 298 -0.11 -8.42 26.38
CA ASN A 298 1.26 -8.12 26.74
C ASN A 298 2.11 -9.37 26.95
N HIS A 299 1.47 -10.48 27.32
CA HIS A 299 2.16 -11.75 27.50
C HIS A 299 2.53 -12.33 26.12
N VAL A 300 1.55 -12.34 25.21
CA VAL A 300 1.80 -12.68 23.82
C VAL A 300 2.91 -11.85 23.20
N LEU A 301 2.84 -10.53 23.35
CA LEU A 301 3.93 -9.68 22.88
C LEU A 301 5.28 -10.12 23.43
N GLU A 302 5.36 -10.43 24.71
CA GLU A 302 6.62 -10.96 25.23
C GLU A 302 6.98 -12.31 24.62
N LEU A 303 6.03 -13.22 24.51
CA LEU A 303 6.32 -14.50 23.87
C LEU A 303 6.90 -14.26 22.48
N LEU A 304 6.26 -13.38 21.72
CA LEU A 304 6.72 -13.11 20.35
C LEU A 304 8.17 -12.61 20.35
N SER A 305 8.53 -11.80 21.36
CA SER A 305 9.90 -11.29 21.46
C SER A 305 10.88 -12.42 21.80
N GLN A 306 10.38 -13.51 22.36
CA GLN A 306 11.21 -14.65 22.71
C GLN A 306 11.27 -15.65 21.54
N SER A 307 10.42 -15.46 20.53
CA SER A 307 10.32 -16.39 19.42
C SER A 307 11.28 -16.02 18.29
N GLY A 308 11.26 -16.78 17.20
CA GLY A 308 12.10 -16.43 16.04
C GLY A 308 11.30 -15.68 14.97
N GLY A 309 10.08 -15.24 15.31
CA GLY A 309 9.17 -14.61 14.34
C GLY A 309 9.65 -13.30 13.74
N ARG A 310 10.26 -12.46 14.56
CA ARG A 310 10.76 -11.20 14.08
C ARG A 310 11.80 -11.43 13.00
N GLN A 311 12.78 -12.30 13.28
CA GLN A 311 13.86 -12.45 12.32
C GLN A 311 13.35 -13.16 11.07
N ALA A 312 12.40 -14.08 11.24
CA ALA A 312 11.79 -14.76 10.09
C ALA A 312 11.09 -13.73 9.14
N ALA A 313 10.35 -12.78 9.73
CA ALA A 313 9.70 -11.73 8.96
C ALA A 313 10.72 -10.82 8.33
N LEU A 314 11.75 -10.47 9.10
CA LEU A 314 12.82 -9.63 8.59
C LEU A 314 13.59 -10.29 7.41
N ASP A 315 13.82 -11.59 7.48
CA ASP A 315 14.48 -12.28 6.36
C ASP A 315 13.61 -12.26 5.11
N GLU A 316 12.30 -12.28 5.31
CA GLU A 316 11.35 -12.17 4.21
C GLU A 316 11.42 -10.75 3.63
N VAL A 317 11.55 -9.75 4.49
CA VAL A 317 11.79 -8.37 4.02
C VAL A 317 13.07 -8.30 3.16
N TYR A 318 14.11 -9.03 3.58
CA TYR A 318 15.39 -8.98 2.88
C TYR A 318 15.28 -9.62 1.50
N ARG A 319 14.47 -10.68 1.42
CA ARG A 319 14.24 -11.37 0.17
C ARG A 319 13.54 -10.44 -0.84
N TYR A 320 12.56 -9.66 -0.37
CA TYR A 320 11.90 -8.65 -1.22
C TYR A 320 12.85 -7.52 -1.58
N MET A 321 13.74 -7.19 -0.67
CA MET A 321 14.72 -6.14 -0.96
C MET A 321 15.68 -6.61 -2.06
N ASP A 322 16.01 -7.92 -2.04
CA ASP A 322 16.84 -8.51 -3.09
C ASP A 322 16.12 -8.45 -4.41
N ILE A 323 14.82 -8.81 -4.41
CA ILE A 323 13.99 -8.62 -5.59
C ILE A 323 13.97 -7.16 -6.07
N ALA A 324 13.69 -6.23 -5.18
CA ALA A 324 13.72 -4.80 -5.51
C ALA A 324 15.06 -4.42 -6.19
N ASN A 325 16.18 -4.86 -5.61
CA ASN A 325 17.51 -4.51 -6.14
C ASN A 325 17.77 -5.12 -7.50
N ALA A 326 17.30 -6.35 -7.69
CA ALA A 326 17.32 -6.98 -9.01
C ALA A 326 16.51 -6.20 -10.06
N GLU A 327 15.40 -5.57 -9.65
CA GLU A 327 14.65 -4.78 -10.61
C GLU A 327 15.39 -3.48 -10.94
N LEU A 328 15.93 -2.83 -9.91
CA LEU A 328 16.69 -1.61 -10.17
C LEU A 328 17.90 -1.89 -11.08
N ASP A 329 18.41 -3.10 -11.01
CA ASP A 329 19.49 -3.53 -11.87
C ASP A 329 19.16 -3.35 -13.34
N ARG A 330 17.87 -3.41 -13.68
CA ARG A 330 17.46 -3.33 -15.07
C ARG A 330 17.37 -1.90 -15.57
N LEU A 331 17.60 -0.95 -14.67
CA LEU A 331 17.41 0.46 -14.95
C LEU A 331 18.77 1.14 -15.02
N PRO A 332 18.87 2.23 -15.78
CA PRO A 332 20.12 2.97 -15.89
C PRO A 332 20.48 3.71 -14.60
N ASP A 333 21.76 3.70 -14.29
CA ASP A 333 22.27 4.35 -13.12
C ASP A 333 21.96 5.83 -13.19
N SER A 334 21.60 6.43 -12.08
CA SER A 334 21.14 7.80 -12.07
C SER A 334 20.73 8.12 -10.66
N THR A 335 20.57 9.40 -10.38
CA THR A 335 20.17 9.79 -9.04
C THR A 335 18.75 9.32 -8.76
N VAL A 336 17.92 9.23 -9.79
CA VAL A 336 16.55 8.74 -9.57
C VAL A 336 16.56 7.27 -9.15
N LYS A 337 17.38 6.46 -9.82
CA LYS A 337 17.55 5.07 -9.43
C LYS A 337 17.93 4.93 -7.97
N GLU A 338 18.88 5.76 -7.54
CA GLU A 338 19.40 5.70 -6.16
C GLU A 338 18.37 6.25 -5.17
N ALA A 339 17.57 7.22 -5.60
CA ALA A 339 16.49 7.72 -4.76
C ALA A 339 15.48 6.58 -4.51
N LEU A 340 15.17 5.82 -5.56
CA LEU A 340 14.28 4.66 -5.38
C LEU A 340 14.91 3.61 -4.49
N ARG A 341 16.18 3.30 -4.73
CA ARG A 341 16.86 2.34 -3.88
C ARG A 341 16.81 2.78 -2.42
N ASN A 342 17.06 4.07 -2.18
CA ASN A 342 17.06 4.62 -0.83
C ASN A 342 15.69 4.59 -0.15
N LEU A 343 14.64 4.81 -0.93
CA LEU A 343 13.28 4.71 -0.43
C LEU A 343 13.06 3.33 0.19
N ALA A 344 13.54 2.29 -0.49
CA ALA A 344 13.39 0.92 -0.04
C ALA A 344 14.31 0.64 1.15
N THR A 345 15.57 1.03 0.99
CA THR A 345 16.60 0.80 2.02
C THR A 345 16.29 1.50 3.35
N PHE A 346 15.82 2.75 3.29
CA PHE A 346 15.46 3.50 4.48
CA PHE A 346 15.51 3.46 4.50
C PHE A 346 14.34 2.81 5.24
N THR A 347 13.38 2.26 4.51
CA THR A 347 12.27 1.53 5.12
C THR A 347 12.83 0.29 5.82
N VAL A 348 13.66 -0.47 5.12
CA VAL A 348 14.22 -1.68 5.69
C VAL A 348 14.96 -1.38 7.00
N LYS A 349 15.74 -0.30 7.01
CA LYS A 349 16.55 0.11 8.18
C LYS A 349 15.74 0.51 9.42
N ARG A 350 14.46 0.81 9.25
CA ARG A 350 13.62 1.01 10.41
C ARG A 350 13.56 -0.24 11.29
N VAL A 351 13.84 -1.42 10.71
CA VAL A 351 13.74 -2.67 11.48
C VAL A 351 15.00 -3.53 11.51
N GLY A 352 15.97 -3.23 10.66
CA GLY A 352 17.25 -3.95 10.71
C GLY A 352 18.22 -3.51 9.63
N GLU A 353 19.43 -4.08 9.65
CA GLU A 353 20.43 -3.80 8.62
C GLU A 353 20.88 -5.06 7.89
#